data_2AOJ
#
_entry.id   2AOJ
#
_cell.length_a   59.445
_cell.length_b   86.999
_cell.length_c   46.317
_cell.angle_alpha   90.00
_cell.angle_beta   90.00
_cell.angle_gamma   90.00
#
_symmetry.space_group_name_H-M   'P 21 21 2'
#
loop_
_entity.id
_entity.type
_entity.pdbx_description
1 polymer 'POL POLYPROTEIN'
2 polymer 'PEPTIDE INHIBITOR'
3 non-polymer 'DIMETHYL SULFOXIDE'
4 non-polymer 'ACETIC ACID'
5 non-polymer GLYCEROL
6 water water
#
loop_
_entity_poly.entity_id
_entity_poly.type
_entity_poly.pdbx_seq_one_letter_code
_entity_poly.pdbx_strand_id
1 'polypeptide(L)'
;PQITLWKRPLVTIKIGGQLKEALLDTGADDTVIEEMSLPGRWKPKMIGGIGGFIKVRQYDQIIIEIAGHKAIGTVLVGPT
PVNIIGRNLLTQIGATLNF
;
A,B
2 'polypeptide(L)' VSFN(FRD)PQITAA(NH2) C
#
# COMPACT_ATOMS: atom_id res chain seq x y z
N PRO A 1 -1.72 -14.51 -13.06
N PRO A 1 -1.56 -14.69 -13.11
CA PRO A 1 -1.04 -13.63 -14.01
CA PRO A 1 -0.91 -13.78 -14.07
C PRO A 1 0.18 -12.93 -13.42
N GLN A 2 0.84 -12.12 -14.25
CA GLN A 2 1.94 -11.23 -13.93
C GLN A 2 1.44 -9.82 -14.22
N ILE A 3 1.27 -9.09 -13.15
CA ILE A 3 0.86 -7.70 -13.20
C ILE A 3 2.04 -6.76 -13.10
N THR A 4 2.31 -5.97 -14.12
CA THR A 4 3.30 -4.89 -14.04
C THR A 4 2.73 -3.71 -13.29
N LEU A 5 3.62 -2.79 -12.92
CA LEU A 5 3.21 -1.74 -11.98
C LEU A 5 3.35 -0.37 -12.62
N TRP A 6 3.35 -0.36 -13.95
CA TRP A 6 3.31 0.92 -14.66
C TRP A 6 2.04 1.70 -14.32
N LYS A 7 0.95 1.00 -14.00
CA LYS A 7 -0.33 1.52 -13.61
C LYS A 7 -0.75 0.94 -12.26
N ARG A 8 -1.76 1.52 -11.60
CA ARG A 8 -2.24 0.88 -10.37
C ARG A 8 -2.76 -0.54 -10.64
N PRO A 9 -2.38 -1.51 -9.80
CA PRO A 9 -2.80 -2.92 -9.93
C PRO A 9 -4.21 -3.14 -9.41
N LEU A 10 -5.17 -2.70 -10.25
CA LEU A 10 -6.58 -2.78 -9.94
C LEU A 10 -7.16 -4.02 -10.58
N VAL A 11 -8.00 -4.72 -9.82
CA VAL A 11 -8.66 -5.91 -10.34
C VAL A 11 -10.13 -5.88 -9.96
N THR A 12 -10.92 -6.73 -10.59
CA THR A 12 -12.32 -6.90 -10.21
C THR A 12 -12.45 -7.96 -9.13
N ILE A 13 -13.25 -7.64 -8.12
CA ILE A 13 -13.54 -8.58 -7.05
C ILE A 13 -15.04 -8.78 -6.89
N LYS A 14 -15.40 -9.95 -6.35
CA LYS A 14 -16.78 -10.24 -5.98
C LYS A 14 -16.85 -10.47 -4.46
N ILE A 15 -17.68 -9.69 -3.78
CA ILE A 15 -17.80 -9.78 -2.32
C ILE A 15 -19.23 -9.48 -1.88
N GLY A 16 -19.79 -10.31 -1.01
CA GLY A 16 -21.16 -10.10 -0.59
C GLY A 16 -22.11 -9.99 -1.79
N GLY A 17 -21.86 -10.69 -2.90
CA GLY A 17 -22.78 -10.66 -4.03
C GLY A 17 -22.62 -9.46 -4.96
N GLN A 18 -21.63 -8.61 -4.75
CA GLN A 18 -21.45 -7.39 -5.47
C GLN A 18 -20.13 -7.42 -6.24
N LEU A 19 -20.06 -6.88 -7.43
CA LEU A 19 -18.78 -6.64 -8.11
C LEU A 19 -18.18 -5.31 -7.66
N LYS A 20 -16.90 -5.31 -7.34
CA LYS A 20 -16.21 -4.08 -7.01
C LYS A 20 -14.83 -4.04 -7.66
N GLU A 21 -14.26 -2.84 -7.80
CA GLU A 21 -12.86 -2.71 -8.20
C GLU A 21 -11.99 -2.48 -6.97
N ALA A 22 -10.80 -3.11 -6.96
CA ALA A 22 -9.98 -2.99 -5.79
C ALA A 22 -8.49 -3.05 -6.19
N LEU A 23 -7.70 -2.45 -5.29
CA LEU A 23 -6.27 -2.31 -5.48
C LEU A 23 -5.53 -3.41 -4.74
N LEU A 24 -4.66 -4.12 -5.45
CA LEU A 24 -3.82 -5.15 -4.81
C LEU A 24 -2.69 -4.45 -4.09
N ASP A 25 -2.67 -4.49 -2.77
CA ASP A 25 -1.78 -3.60 -1.99
C ASP A 25 -0.88 -4.37 -1.05
N THR A 26 0.38 -4.54 -1.50
CA THR A 26 1.30 -5.31 -0.65
C THR A 26 1.65 -4.53 0.59
N GLY A 27 1.39 -3.24 0.63
CA GLY A 27 1.72 -2.42 1.80
C GLY A 27 0.55 -2.32 2.78
N ALA A 28 -0.49 -3.16 2.58
CA ALA A 28 -1.64 -3.19 3.47
C ALA A 28 -1.72 -4.48 4.26
N ASP A 29 -1.80 -4.42 5.58
CA ASP A 29 -1.89 -5.65 6.37
C ASP A 29 -3.22 -6.35 6.08
N ASP A 30 -4.24 -5.56 5.88
CA ASP A 30 -5.64 -5.95 5.89
C ASP A 30 -6.31 -5.59 4.57
N THR A 31 -7.47 -6.17 4.39
CA THR A 31 -8.39 -5.89 3.28
C THR A 31 -9.45 -4.92 3.75
N VAL A 32 -9.62 -3.78 3.09
CA VAL A 32 -10.49 -2.70 3.53
C VAL A 32 -11.34 -2.27 2.34
N ILE A 33 -12.66 -2.33 2.57
CA ILE A 33 -13.66 -2.10 1.51
C ILE A 33 -14.55 -0.95 1.91
N GLU A 34 -14.94 -0.15 0.91
CA GLU A 34 -15.87 0.96 1.14
C GLU A 34 -17.18 0.46 1.73
N GLU A 35 -17.98 1.37 2.30
CA GLU A 35 -19.22 0.95 2.95
C GLU A 35 -20.09 0.02 2.11
N MET A 36 -20.44 -1.12 2.72
CA MET A 36 -21.32 -2.13 2.14
C MET A 36 -21.85 -2.99 3.28
N SER A 37 -22.96 -3.71 3.04
CA SER A 37 -23.37 -4.64 4.09
C SER A 37 -22.68 -5.99 3.93
N LEU A 38 -22.35 -6.60 5.04
CA LEU A 38 -21.83 -7.95 5.09
C LEU A 38 -22.56 -8.69 6.22
N PRO A 39 -22.69 -10.00 6.06
CA PRO A 39 -23.31 -10.80 7.12
C PRO A 39 -22.40 -11.07 8.32
N GLY A 40 -23.05 -11.29 9.44
CA GLY A 40 -22.46 -11.80 10.67
C GLY A 40 -22.16 -10.69 11.65
N ARG A 41 -21.58 -11.06 12.78
CA ARG A 41 -21.21 -10.11 13.83
C ARG A 41 -19.96 -9.34 13.41
N TRP A 42 -19.81 -8.16 13.99
CA TRP A 42 -18.62 -7.38 13.66
C TRP A 42 -18.17 -6.66 14.93
N LYS A 43 -16.96 -6.15 14.92
CA LYS A 43 -16.43 -5.35 15.99
C LYS A 43 -15.71 -4.13 15.40
N PRO A 44 -15.72 -3.05 16.15
CA PRO A 44 -15.07 -1.83 15.68
C PRO A 44 -13.56 -1.99 15.84
N LYS A 45 -12.85 -1.36 14.92
CA LYS A 45 -11.39 -1.38 14.91
C LYS A 45 -10.85 -0.06 14.41
N MET A 46 -9.68 0.36 14.86
CA MET A 46 -8.99 1.50 14.29
C MET A 46 -7.82 0.96 13.46
N ILE A 47 -7.75 1.40 12.21
CA ILE A 47 -6.58 1.08 11.39
C ILE A 47 -5.90 2.38 10.95
N GLY A 48 -4.57 2.31 10.79
CA GLY A 48 -3.83 3.50 10.44
C GLY A 48 -3.28 3.36 9.05
N GLY A 49 -2.97 4.50 8.45
CA GLY A 49 -2.34 4.45 7.14
C GLY A 49 -1.62 5.78 6.99
N ILE A 50 -1.28 6.18 5.77
CA ILE A 50 -0.43 7.35 5.63
CA ILE A 50 -0.62 7.48 5.60
C ILE A 50 -0.97 8.63 6.25
C ILE A 50 -1.63 8.54 5.98
N GLY A 51 -2.27 8.91 6.35
N GLY A 51 -1.39 9.60 6.78
CA GLY A 51 -2.70 10.20 6.89
CA GLY A 51 -2.60 10.42 6.98
C GLY A 51 -3.32 10.16 8.27
N GLY A 52 -3.20 9.03 8.95
CA GLY A 52 -3.78 8.85 10.27
C GLY A 52 -4.65 7.59 10.30
N PHE A 53 -5.64 7.57 11.17
CA PHE A 53 -6.48 6.41 11.42
C PHE A 53 -7.90 6.64 10.93
N ILE A 54 -8.55 5.53 10.65
CA ILE A 54 -9.99 5.51 10.44
C ILE A 54 -10.58 4.37 11.27
N LYS A 55 -11.85 4.54 11.62
CA LYS A 55 -12.62 3.51 12.30
C LYS A 55 -13.31 2.59 11.33
N VAL A 56 -13.25 1.29 11.51
CA VAL A 56 -13.89 0.37 10.54
C VAL A 56 -14.66 -0.68 11.31
N ARG A 57 -15.46 -1.46 10.60
CA ARG A 57 -16.15 -2.62 11.15
C ARG A 57 -15.39 -3.87 10.68
N GLN A 58 -15.00 -4.74 11.59
CA GLN A 58 -14.30 -5.97 11.22
C GLN A 58 -15.26 -7.15 11.12
N TYR A 59 -15.37 -7.83 9.99
CA TYR A 59 -16.17 -9.02 9.78
C TYR A 59 -15.22 -10.20 9.55
N ASP A 60 -15.56 -11.33 10.16
CA ASP A 60 -14.73 -12.51 9.94
C ASP A 60 -15.31 -13.50 8.94
N GLN A 61 -14.39 -14.34 8.45
CA GLN A 61 -14.71 -15.46 7.58
C GLN A 61 -15.54 -15.03 6.37
N ILE A 62 -15.09 -13.98 5.70
CA ILE A 62 -15.78 -13.49 4.52
C ILE A 62 -15.09 -14.06 3.28
N ILE A 63 -15.87 -14.51 2.30
CA ILE A 63 -15.27 -15.03 1.06
C ILE A 63 -15.24 -13.94 0.00
N ILE A 64 -14.07 -13.73 -0.61
CA ILE A 64 -13.97 -12.80 -1.73
C ILE A 64 -13.45 -13.57 -2.94
N GLU A 65 -13.99 -13.27 -4.11
CA GLU A 65 -13.35 -13.78 -5.32
C GLU A 65 -12.46 -12.69 -5.96
N ILE A 66 -11.16 -12.93 -6.12
CA ILE A 66 -10.22 -11.89 -6.54
C ILE A 66 -9.64 -12.26 -7.89
N ALA A 67 -10.03 -11.46 -8.87
CA ALA A 67 -9.65 -11.67 -10.27
C ALA A 67 -9.74 -13.15 -10.60
N GLY A 68 -10.83 -13.77 -10.17
CA GLY A 68 -11.05 -15.18 -10.54
C GLY A 68 -10.64 -16.17 -9.47
N HIS A 69 -9.98 -15.70 -8.42
CA HIS A 69 -9.46 -16.59 -7.38
C HIS A 69 -10.20 -16.45 -6.06
N LYS A 70 -10.81 -17.47 -5.47
CA LYS A 70 -11.50 -17.42 -4.16
C LYS A 70 -10.54 -17.46 -2.98
N ALA A 71 -10.90 -16.71 -1.96
CA ALA A 71 -10.11 -16.68 -0.73
C ALA A 71 -11.06 -16.35 0.40
N ILE A 72 -10.69 -16.70 1.61
CA ILE A 72 -11.54 -16.43 2.78
C ILE A 72 -10.71 -15.76 3.87
N GLY A 73 -11.37 -14.79 4.51
CA GLY A 73 -10.66 -14.16 5.62
C GLY A 73 -11.40 -12.97 6.18
N THR A 74 -10.70 -12.15 6.96
CA THR A 74 -11.28 -10.97 7.59
C THR A 74 -11.34 -9.82 6.59
N VAL A 75 -12.45 -9.11 6.64
CA VAL A 75 -12.62 -7.92 5.81
C VAL A 75 -13.08 -6.77 6.70
N LEU A 76 -12.45 -5.63 6.48
CA LEU A 76 -12.75 -4.40 7.21
C LEU A 76 -13.58 -3.51 6.29
N VAL A 77 -14.61 -2.90 6.82
CA VAL A 77 -15.52 -2.04 6.08
C VAL A 77 -15.54 -0.66 6.72
N GLY A 78 -15.28 0.36 5.86
CA GLY A 78 -15.23 1.69 6.42
C GLY A 78 -14.87 2.73 5.37
N PRO A 79 -14.65 3.96 5.79
CA PRO A 79 -14.45 5.08 4.87
C PRO A 79 -13.04 5.09 4.29
N THR A 80 -12.69 4.03 3.60
CA THR A 80 -11.41 4.06 2.85
C THR A 80 -11.54 4.73 1.49
N PRO A 81 -10.58 5.50 0.99
CA PRO A 81 -10.77 6.19 -0.30
C PRO A 81 -10.68 5.24 -1.49
N VAL A 82 -10.20 4.02 -1.26
CA VAL A 82 -10.06 3.03 -2.32
C VAL A 82 -10.24 1.64 -1.73
N ASN A 83 -10.91 0.72 -2.43
CA ASN A 83 -10.99 -0.65 -1.96
C ASN A 83 -9.62 -1.28 -2.05
N ILE A 84 -9.17 -1.93 -0.97
CA ILE A 84 -7.83 -2.52 -1.06
C ILE A 84 -7.85 -3.98 -0.68
N ILE A 85 -7.11 -4.79 -1.42
CA ILE A 85 -6.92 -6.20 -1.04
C ILE A 85 -5.56 -6.26 -0.38
N GLY A 86 -5.50 -6.58 0.90
CA GLY A 86 -4.19 -6.52 1.56
C GLY A 86 -3.64 -7.92 1.79
N ARG A 87 -2.57 -8.01 2.56
CA ARG A 87 -1.81 -9.27 2.62
C ARG A 87 -2.59 -10.46 3.12
N ASN A 88 -3.60 -10.21 3.97
CA ASN A 88 -4.35 -11.35 4.54
C ASN A 88 -5.05 -12.15 3.47
N LEU A 89 -5.42 -11.55 2.35
CA LEU A 89 -6.03 -12.32 1.25
C LEU A 89 -5.06 -12.51 0.10
N LEU A 90 -4.09 -11.62 -0.07
CA LEU A 90 -3.09 -11.86 -1.13
C LEU A 90 -2.33 -13.16 -0.91
N THR A 91 -2.07 -13.54 0.35
CA THR A 91 -1.36 -14.78 0.55
C THR A 91 -2.18 -15.96 0.08
N GLN A 92 -3.50 -15.84 0.26
CA GLN A 92 -4.38 -16.97 -0.06
C GLN A 92 -4.51 -17.23 -1.55
N ILE A 93 -4.25 -16.22 -2.37
CA ILE A 93 -4.34 -16.43 -3.82
C ILE A 93 -2.96 -16.69 -4.44
N GLY A 94 -1.96 -16.79 -3.56
CA GLY A 94 -0.60 -17.15 -3.89
C GLY A 94 0.18 -16.01 -4.48
N ALA A 95 -0.18 -14.78 -4.10
CA ALA A 95 0.52 -13.68 -4.76
C ALA A 95 1.89 -13.41 -4.17
N THR A 96 2.82 -13.07 -5.05
CA THR A 96 4.17 -12.74 -4.66
C THR A 96 4.66 -11.50 -5.43
N LEU A 97 5.64 -10.84 -4.80
CA LEU A 97 6.34 -9.72 -5.46
C LEU A 97 7.64 -10.25 -6.03
N ASN A 98 7.97 -9.96 -7.28
CA ASN A 98 9.17 -10.61 -7.83
C ASN A 98 10.04 -9.58 -8.51
N PHE A 99 11.36 -9.60 -8.35
CA PHE A 99 12.21 -8.69 -9.12
C PHE A 99 13.63 -9.28 -9.08
N PRO B 1 14.52 -11.59 -6.49
CA PRO B 1 13.71 -11.97 -5.32
C PRO B 1 12.28 -12.37 -5.70
N GLN B 2 11.86 -13.46 -5.07
CA GLN B 2 10.47 -13.80 -4.91
C GLN B 2 10.02 -13.56 -3.44
N ILE B 3 9.17 -12.57 -3.22
CA ILE B 3 8.79 -12.14 -1.88
C ILE B 3 7.34 -12.53 -1.62
N THR B 4 7.15 -13.43 -0.66
CA THR B 4 5.79 -13.82 -0.28
C THR B 4 5.23 -12.79 0.68
N LEU B 5 3.97 -12.92 1.04
CA LEU B 5 3.36 -11.79 1.76
C LEU B 5 2.81 -12.17 3.12
N TRP B 6 3.33 -13.24 3.67
CA TRP B 6 2.87 -13.73 4.98
C TRP B 6 3.35 -12.71 6.01
N LYS B 7 4.47 -12.05 5.74
CA LYS B 7 5.02 -10.97 6.54
C LYS B 7 5.04 -9.66 5.75
N ARG B 8 5.15 -8.50 6.42
CA ARG B 8 5.32 -7.27 5.61
C ARG B 8 6.54 -7.37 4.71
N PRO B 9 6.41 -6.91 3.47
CA PRO B 9 7.55 -6.95 2.53
C PRO B 9 8.51 -5.80 2.78
N LEU B 10 9.23 -5.98 3.88
CA LEU B 10 10.19 -4.97 4.35
C LEU B 10 11.56 -5.26 3.77
N VAL B 11 12.21 -4.26 3.20
CA VAL B 11 13.58 -4.43 2.70
C VAL B 11 14.48 -3.31 3.20
N THR B 12 15.79 -3.49 3.04
CA THR B 12 16.73 -2.42 3.35
C THR B 12 16.96 -1.55 2.11
N ILE B 13 16.96 -0.23 2.32
CA ILE B 13 17.24 0.71 1.24
C ILE B 13 18.47 1.48 1.67
N LYS B 14 19.12 2.12 0.70
CA LYS B 14 20.24 2.99 1.02
C LYS B 14 19.98 4.33 0.33
N ILE B 15 20.01 5.39 1.13
CA ILE B 15 19.80 6.72 0.58
C ILE B 15 20.70 7.65 1.38
N GLY B 16 21.50 8.47 0.70
CA GLY B 16 22.43 9.39 1.34
C GLY B 16 23.48 8.64 2.16
N GLY B 17 23.87 7.45 1.71
CA GLY B 17 24.87 6.69 2.44
C GLY B 17 24.38 5.98 3.68
N GLN B 18 23.08 6.12 3.97
CA GLN B 18 22.47 5.52 5.15
C GLN B 18 21.54 4.36 4.84
N LEU B 19 21.59 3.33 5.68
CA LEU B 19 20.66 2.21 5.53
C LEU B 19 19.35 2.50 6.26
N LYS B 20 18.19 2.24 5.65
CA LYS B 20 16.91 2.40 6.28
C LYS B 20 16.07 1.18 5.89
N GLU B 21 15.01 0.89 6.60
CA GLU B 21 14.02 -0.14 6.30
C GLU B 21 12.86 0.47 5.55
N ALA B 22 12.31 -0.21 4.54
CA ALA B 22 11.16 0.40 3.85
C ALA B 22 10.24 -0.70 3.37
N LEU B 23 8.97 -0.38 3.16
CA LEU B 23 7.93 -1.29 2.75
C LEU B 23 7.70 -1.24 1.25
N LEU B 24 7.78 -2.38 0.57
CA LEU B 24 7.43 -2.37 -0.85
C LEU B 24 5.93 -2.32 -1.02
N ASP B 25 5.39 -1.27 -1.61
CA ASP B 25 3.95 -1.05 -1.57
C ASP B 25 3.34 -0.87 -2.96
N THR B 26 2.70 -1.92 -3.47
CA THR B 26 2.12 -1.84 -4.83
C THR B 26 0.94 -0.91 -4.84
N GLY B 27 0.45 -0.56 -3.65
CA GLY B 27 -0.72 0.34 -3.53
C GLY B 27 -0.29 1.78 -3.41
N ALA B 28 1.00 2.10 -3.56
CA ALA B 28 1.49 3.48 -3.46
C ALA B 28 1.96 3.98 -4.82
N ASP B 29 1.50 5.13 -5.26
CA ASP B 29 1.96 5.68 -6.54
C ASP B 29 3.43 6.10 -6.41
N ASP B 30 3.75 6.65 -5.25
CA ASP B 30 5.00 7.37 -4.99
C ASP B 30 5.79 6.74 -3.88
N THR B 31 7.04 7.18 -3.72
CA THR B 31 7.95 6.73 -2.65
C THR B 31 8.00 7.82 -1.60
N VAL B 32 7.74 7.45 -0.34
CA VAL B 32 7.64 8.46 0.71
C VAL B 32 8.52 8.00 1.85
N ILE B 33 9.41 8.84 2.31
CA ILE B 33 10.35 8.50 3.39
C ILE B 33 10.18 9.44 4.58
N GLU B 34 10.47 8.96 5.79
CA GLU B 34 10.38 9.79 7.00
C GLU B 34 11.33 10.97 6.92
N GLU B 35 11.16 12.04 7.68
CA GLU B 35 12.01 13.23 7.71
C GLU B 35 13.49 12.88 7.71
N MET B 36 14.20 13.44 6.75
CA MET B 36 15.64 13.29 6.63
C MET B 36 16.14 14.41 5.74
N SER B 37 17.44 14.63 5.65
CA SER B 37 18.01 15.66 4.80
C SER B 37 18.40 15.11 3.43
N LEU B 38 17.90 15.73 2.38
CA LEU B 38 18.22 15.34 1.00
C LEU B 38 18.76 16.59 0.29
N PRO B 39 19.58 16.44 -0.73
CA PRO B 39 20.14 17.60 -1.40
C PRO B 39 19.23 18.21 -2.46
N GLY B 40 19.53 19.49 -2.73
CA GLY B 40 18.84 20.18 -3.78
C GLY B 40 17.58 20.88 -3.33
N ARG B 41 16.89 21.40 -4.33
CA ARG B 41 15.62 22.08 -4.12
C ARG B 41 14.48 21.10 -4.01
N TRP B 42 13.44 21.56 -3.34
CA TRP B 42 12.24 20.72 -3.27
C TRP B 42 11.02 21.54 -3.67
N LYS B 43 9.94 20.80 -3.91
CA LYS B 43 8.67 21.38 -4.31
C LYS B 43 7.61 20.77 -3.42
N PRO B 44 6.50 21.46 -3.23
CA PRO B 44 5.45 21.03 -2.33
C PRO B 44 4.55 20.00 -2.98
N LYS B 45 4.10 19.02 -2.22
CA LYS B 45 3.14 18.04 -2.71
C LYS B 45 2.24 17.64 -1.54
N MET B 46 1.01 17.33 -1.89
CA MET B 46 0.03 16.75 -1.01
C MET B 46 -0.21 15.31 -1.46
N ILE B 47 -0.20 14.37 -0.53
CA ILE B 47 -0.49 12.97 -0.89
C ILE B 47 -1.54 12.44 0.07
N GLY B 48 -2.35 11.51 -0.44
CA GLY B 48 -3.47 11.09 0.41
C GLY B 48 -3.49 9.60 0.51
N GLY B 49 -4.04 9.10 1.61
CA GLY B 49 -4.14 7.64 1.70
C GLY B 49 -5.25 7.34 2.69
N ILE B 50 -5.19 6.18 3.33
CA ILE B 50 -6.32 5.80 4.17
CA ILE B 50 -6.21 5.88 4.33
C ILE B 50 -6.67 6.76 5.26
C ILE B 50 -5.97 6.84 5.47
N GLY B 51 -5.85 7.63 5.85
N GLY B 51 -7.02 7.49 6.01
CA GLY B 51 -6.54 8.38 6.92
CA GLY B 51 -6.73 8.42 7.08
C GLY B 51 -6.71 9.86 6.60
N GLY B 52 -6.45 10.17 5.33
CA GLY B 52 -6.50 11.54 4.85
C GLY B 52 -5.21 11.94 4.14
N PHE B 53 -4.85 13.20 4.23
CA PHE B 53 -3.76 13.75 3.47
C PHE B 53 -2.63 14.28 4.35
N ILE B 54 -1.44 14.27 3.77
CA ILE B 54 -0.29 14.88 4.42
C ILE B 54 0.53 15.69 3.41
N LYS B 55 1.19 16.72 3.91
CA LYS B 55 2.10 17.56 3.17
C LYS B 55 3.48 16.93 3.15
N VAL B 56 4.09 16.86 1.97
CA VAL B 56 5.44 16.32 1.89
C VAL B 56 6.32 17.21 1.02
N ARG B 57 7.64 16.97 1.05
CA ARG B 57 8.58 17.73 0.24
C ARG B 57 9.05 16.80 -0.88
N GLN B 58 8.94 17.24 -2.13
CA GLN B 58 9.33 16.43 -3.27
C GLN B 58 10.74 16.80 -3.70
N TYR B 59 11.62 15.81 -3.66
CA TYR B 59 13.00 15.89 -4.16
C TYR B 59 13.15 15.03 -5.41
N ASP B 60 13.76 15.57 -6.46
CA ASP B 60 13.90 14.83 -7.71
C ASP B 60 15.33 14.33 -7.89
N GLN B 61 15.48 13.30 -8.71
CA GLN B 61 16.78 12.77 -9.10
C GLN B 61 17.62 12.38 -7.90
N ILE B 62 16.99 11.64 -6.96
CA ILE B 62 17.65 11.10 -5.77
C ILE B 62 18.20 9.73 -6.07
N ILE B 63 19.47 9.51 -5.72
CA ILE B 63 19.99 8.15 -5.91
C ILE B 63 19.63 7.28 -4.73
N ILE B 64 19.05 6.12 -5.02
CA ILE B 64 18.58 5.25 -3.94
C ILE B 64 18.84 3.80 -4.34
N GLU B 65 19.17 2.94 -3.43
CA GLU B 65 19.32 1.50 -3.63
C GLU B 65 18.18 0.81 -2.89
N ILE B 66 17.54 -0.12 -3.57
CA ILE B 66 16.41 -0.84 -2.98
C ILE B 66 16.69 -2.34 -3.00
N ALA B 67 16.89 -2.92 -1.82
CA ALA B 67 17.26 -4.35 -1.75
C ALA B 67 18.38 -4.66 -2.75
N GLY B 68 19.35 -3.75 -2.83
CA GLY B 68 20.48 -3.96 -3.69
C GLY B 68 20.33 -3.46 -5.11
N HIS B 69 19.15 -3.02 -5.53
CA HIS B 69 19.00 -2.59 -6.90
C HIS B 69 19.09 -1.08 -6.97
N LYS B 70 19.90 -0.53 -7.88
CA LYS B 70 20.00 0.94 -7.92
C LYS B 70 18.83 1.55 -8.69
N ALA B 71 18.37 2.68 -8.16
CA ALA B 71 17.38 3.52 -8.83
C ALA B 71 17.80 4.99 -8.73
N ILE B 72 17.22 5.83 -9.60
CA ILE B 72 17.37 7.29 -9.53
C ILE B 72 15.98 7.86 -9.81
N GLY B 73 15.41 8.54 -8.82
CA GLY B 73 14.06 9.03 -9.07
C GLY B 73 13.61 9.96 -7.97
N THR B 74 12.30 10.16 -7.96
CA THR B 74 11.67 11.14 -7.06
C THR B 74 11.37 10.52 -5.71
N VAL B 75 11.72 11.25 -4.65
CA VAL B 75 11.46 10.81 -3.30
C VAL B 75 10.73 11.93 -2.58
N LEU B 76 9.64 11.54 -1.94
CA LEU B 76 8.87 12.46 -1.09
C LEU B 76 9.26 12.27 0.36
N VAL B 77 9.45 13.40 1.03
CA VAL B 77 9.83 13.37 2.46
C VAL B 77 8.77 14.00 3.33
N GLY B 78 8.33 13.25 4.35
CA GLY B 78 7.32 13.83 5.22
C GLY B 78 6.89 12.88 6.33
N PRO B 79 5.86 13.23 7.08
CA PRO B 79 5.51 12.43 8.28
C PRO B 79 4.75 11.18 7.97
N THR B 80 5.32 10.31 7.15
CA THR B 80 4.72 9.00 6.92
C THR B 80 4.97 8.07 8.11
N PRO B 81 4.04 7.17 8.45
CA PRO B 81 4.28 6.24 9.57
C PRO B 81 5.36 5.20 9.27
N VAL B 82 5.62 4.95 8.00
CA VAL B 82 6.59 3.96 7.55
C VAL B 82 7.23 4.45 6.26
N ASN B 83 8.51 4.15 6.02
CA ASN B 83 9.07 4.42 4.71
C ASN B 83 8.42 3.52 3.67
N ILE B 84 7.98 4.12 2.55
CA ILE B 84 7.24 3.36 1.53
C ILE B 84 7.93 3.45 0.18
N ILE B 85 8.15 2.32 -0.47
CA ILE B 85 8.69 2.29 -1.85
C ILE B 85 7.50 2.03 -2.76
N GLY B 86 7.09 3.01 -3.56
CA GLY B 86 5.91 2.92 -4.40
C GLY B 86 6.26 2.60 -5.84
N ARG B 87 5.23 2.69 -6.69
CA ARG B 87 5.39 2.16 -8.05
C ARG B 87 6.43 2.92 -8.83
N ASN B 88 6.67 4.20 -8.49
CA ASN B 88 7.63 4.95 -9.30
C ASN B 88 8.99 4.28 -9.23
N LEU B 89 9.35 3.68 -8.09
CA LEU B 89 10.65 3.02 -8.00
C LEU B 89 10.50 1.51 -8.15
N LEU B 90 9.36 0.91 -7.83
CA LEU B 90 9.23 -0.54 -8.05
C LEU B 90 9.32 -0.85 -9.54
N THR B 91 8.86 0.09 -10.38
CA THR B 91 9.01 -0.16 -11.83
C THR B 91 10.47 -0.07 -12.23
N GLN B 92 11.27 0.80 -11.61
CA GLN B 92 12.71 0.86 -11.94
C GLN B 92 13.48 -0.41 -11.58
N ILE B 93 13.05 -1.13 -10.57
CA ILE B 93 13.80 -2.31 -10.13
C ILE B 93 13.18 -3.56 -10.78
N GLY B 94 12.16 -3.33 -11.58
CA GLY B 94 11.56 -4.39 -12.40
C GLY B 94 10.60 -5.26 -11.65
N ALA B 95 9.97 -4.73 -10.59
CA ALA B 95 9.10 -5.57 -9.77
C ALA B 95 7.75 -5.80 -10.43
N THR B 96 7.23 -7.01 -10.29
CA THR B 96 5.90 -7.39 -10.70
C THR B 96 5.22 -8.12 -9.53
N LEU B 97 3.90 -8.11 -9.60
CA LEU B 97 3.02 -8.91 -8.75
C LEU B 97 2.64 -10.16 -9.53
N ASN B 98 2.69 -11.35 -8.95
CA ASN B 98 2.39 -12.57 -9.69
C ASN B 98 1.48 -13.49 -8.91
N PHE B 99 0.44 -14.07 -9.51
CA PHE B 99 -0.35 -15.11 -8.85
C PHE B 99 -0.92 -16.03 -9.94
N VAL C 1 -4.31 -0.40 13.53
N VAL C 1 -4.65 14.54 -6.70
CA VAL C 1 -3.87 -1.49 14.39
CA VAL C 1 -3.46 14.40 -5.86
C VAL C 1 -2.59 -2.19 13.91
C VAL C 1 -3.04 12.94 -5.77
N SER C 2 -2.53 -2.81 12.78
N SER C 2 -1.73 12.66 -5.75
CA SER C 2 -3.03 -2.96 11.47
CA SER C 2 -1.36 11.25 -5.82
C SER C 2 -2.92 -1.58 10.78
C SER C 2 -1.62 10.57 -4.47
N PHE C 3 -1.97 -1.55 9.84
N PHE C 3 -1.77 9.25 -4.57
CA PHE C 3 -1.62 -0.39 9.05
CA PHE C 3 -2.20 8.38 -3.50
C PHE C 3 -1.75 -0.73 7.58
C PHE C 3 -1.29 7.21 -3.19
N ASN C 4 -2.34 0.22 6.87
N ASN C 4 -1.12 7.07 -1.87
CA ASN C 4 -2.74 -0.01 5.48
CA ASN C 4 -0.19 6.13 -1.29
C ASN C 4 -2.33 1.19 4.63
C ASN C 4 -0.89 5.42 -0.13
N PRO C 6 -2.32 2.26 1.05
N PRO C 6 -0.21 2.55 2.16
CA PRO C 6 -2.47 2.97 -0.22
CA PRO C 6 0.07 1.60 3.24
C PRO C 6 -2.06 4.43 -0.17
C PRO C 6 -1.05 1.49 4.25
N GLN C 7 -1.57 4.91 -1.32
N GLN C 7 -1.04 0.38 4.99
CA GLN C 7 -1.25 6.34 -1.42
CA GLN C 7 -1.96 0.12 6.07
C GLN C 7 -1.45 6.82 -2.84
C GLN C 7 -1.32 -0.75 7.14
N ILE C 8 -1.92 8.06 -2.98
N ILE C 8 -0.97 -0.12 8.26
CA ILE C 8 -1.91 8.80 -4.24
CA ILE C 8 -0.54 -0.90 9.42
C ILE C 8 -1.54 10.28 -4.08
C ILE C 8 -1.65 -0.97 10.46
N THR C 9 -1.04 10.85 -5.20
N THR C 9 -1.92 -2.15 11.02
CA THR C 9 -0.69 12.25 -5.14
CA THR C 9 -2.69 -2.15 12.27
C THR C 9 -1.92 13.12 -5.36
C THR C 9 -1.68 -2.51 13.38
N ALA C 10 -2.03 14.12 -4.55
N ALA C 10 -1.32 -1.61 14.26
CA ALA C 10 -2.55 15.45 -4.63
CA ALA C 10 -1.78 -0.32 14.68
C ALA C 10 -4.01 15.55 -4.14
C ALA C 10 -3.20 -0.40 15.27
N ALA C 11 -4.78 16.15 -5.00
N ALA C 11 -3.34 -1.14 16.36
CA ALA C 11 -6.04 16.73 -5.32
CA ALA C 11 -4.45 -1.34 17.26
C ALA C 11 -6.96 15.87 -6.18
C ALA C 11 -5.31 -2.56 16.91
#